data_3UP3
#
_entry.id   3UP3
#
_cell.length_a   34.545
_cell.length_b   85.296
_cell.length_c   46.325
_cell.angle_alpha   90.000
_cell.angle_beta   106.870
_cell.angle_gamma   90.000
#
_symmetry.space_group_name_H-M   'P 1 21 1'
#
loop_
_entity.id
_entity.type
_entity.pdbx_description
1 polymer aceDAF-12
2 polymer 'Nuclear receptor coactivator 2'
3 non-polymer '(8alpha,10alpha,25S)-3-hydroxycholesta-3,5-dien-26-oic acid'
4 non-polymer 1,2-ETHANEDIOL
5 water water
#
loop_
_entity_poly.entity_id
_entity_poly.type
_entity_poly.pdbx_seq_one_letter_code
_entity_poly.pdbx_strand_id
1 'polypeptide(L)'
;GSYQLNAAELQALDLIQEAFKGMNDPMEQGRQATSFLKNEKSPADIMNIMDVTMRRFVKMAKRLPAFNDLSQDGKFALLK
GGMIEMLTVRGVRRFDSSSGSWTTPTLGESSEVSINMFDQLNADVRSEQKMRFLQFFKIFHEDIRSNDLVISMIMLIVLF
SPRDSITDPEDRRIIARHHEQFSALLNRYLESLYGDDAHQLNEQLPTALRMLREISASSGMLFLGTVNTSEAEPLPREFF
KVE
;
A
2 'polypeptide(L)' ENALLRYLLDKDDT P
#
loop_
_chem_comp.id
_chem_comp.type
_chem_comp.name
_chem_comp.formula
EDO non-polymer 1,2-ETHANEDIOL 'C2 H6 O2'
XCA non-polymer '(8alpha,10alpha,25S)-3-hydroxycholesta-3,5-dien-26-oic acid' 'C27 H42 O3'
#
# COMPACT_ATOMS: atom_id res chain seq x y z
N SER A 2 -19.07 -12.22 23.66
CA SER A 2 -17.59 -12.44 23.66
C SER A 2 -16.96 -11.80 22.42
N TYR A 3 -15.81 -11.17 22.63
CA TYR A 3 -15.05 -10.54 21.55
C TYR A 3 -14.00 -11.49 20.97
N GLN A 4 -13.83 -12.66 21.55
CA GLN A 4 -12.87 -13.63 21.02
C GLN A 4 -13.24 -13.98 19.57
N LEU A 5 -12.22 -14.13 18.74
CA LEU A 5 -12.44 -14.49 17.33
C LEU A 5 -12.94 -15.91 17.19
N ASN A 6 -13.89 -16.09 16.30
CA ASN A 6 -14.36 -17.43 15.96
C ASN A 6 -13.43 -18.06 14.89
N ALA A 7 -13.69 -19.31 14.55
CA ALA A 7 -12.83 -20.05 13.64
C ALA A 7 -12.78 -19.41 12.26
N ALA A 8 -13.90 -18.94 11.75
CA ALA A 8 -13.94 -18.33 10.42
C ALA A 8 -13.10 -17.05 10.39
N GLU A 9 -13.14 -16.26 11.47
CA GLU A 9 -12.38 -15.01 11.57
C GLU A 9 -10.91 -15.33 11.67
N LEU A 10 -10.52 -16.29 12.49
CA LEU A 10 -9.14 -16.67 12.58
C LEU A 10 -8.59 -17.18 11.25
N GLN A 11 -9.39 -17.96 10.54
CA GLN A 11 -9.00 -18.46 9.25
C GLN A 11 -8.83 -17.35 8.22
N ALA A 12 -9.72 -16.36 8.21
CA ALA A 12 -9.57 -15.23 7.32
C ALA A 12 -8.26 -14.52 7.61
N LEU A 13 -7.92 -14.35 8.88
CA LEU A 13 -6.65 -13.70 9.23
C LEU A 13 -5.45 -14.50 8.79
N ASP A 14 -5.49 -15.82 8.94
CA ASP A 14 -4.42 -16.70 8.46
C ASP A 14 -4.24 -16.54 6.96
N LEU A 15 -5.35 -16.55 6.23
CA LEU A 15 -5.31 -16.38 4.78
C LEU A 15 -4.70 -15.03 4.37
N ILE A 16 -5.09 -13.96 5.06
CA ILE A 16 -4.50 -12.65 4.80
C ILE A 16 -3.00 -12.66 5.07
N GLN A 17 -2.58 -13.23 6.18
CA GLN A 17 -1.17 -13.32 6.49
C GLN A 17 -0.45 -14.13 5.42
N GLU A 18 -1.06 -15.20 4.92
CA GLU A 18 -0.47 -15.99 3.84
C GLU A 18 -0.27 -15.14 2.60
N ALA A 19 -1.28 -14.39 2.19
CA ALA A 19 -1.19 -13.59 0.97
C ALA A 19 -0.08 -12.53 1.09
N PHE A 20 0.09 -11.97 2.28
CA PHE A 20 1.08 -10.91 2.53
C PHE A 20 2.45 -11.42 2.95
N LYS A 21 2.65 -12.73 2.99
CA LYS A 21 3.83 -13.25 3.67
C LYS A 21 5.15 -12.92 2.97
N GLY A 22 5.14 -12.60 1.68
CA GLY A 22 6.34 -12.29 0.91
C GLY A 22 6.68 -10.82 0.86
N MET A 23 5.85 -9.94 1.46
CA MET A 23 6.13 -8.50 1.35
C MET A 23 7.50 -8.21 1.96
N ASN A 24 7.89 -8.93 3.01
CA ASN A 24 9.14 -8.68 3.73
C ASN A 24 10.28 -9.57 3.30
N ASP A 25 10.19 -10.22 2.14
CA ASP A 25 11.27 -11.05 1.67
C ASP A 25 12.49 -10.20 1.31
N PRO A 26 13.68 -10.80 1.36
CA PRO A 26 14.86 -10.09 0.92
C PRO A 26 14.75 -9.63 -0.52
N MET A 27 15.46 -8.55 -0.84
CA MET A 27 15.67 -8.14 -2.21
C MET A 27 16.86 -8.87 -2.81
N GLU A 28 16.80 -9.13 -4.11
CA GLU A 28 17.97 -9.61 -4.85
C GLU A 28 18.77 -8.44 -5.31
N GLN A 29 20.02 -8.71 -5.64
CA GLN A 29 20.87 -7.74 -6.30
C GLN A 29 20.20 -7.19 -7.55
N GLY A 30 20.30 -5.89 -7.76
CA GLY A 30 19.69 -5.27 -8.91
C GLY A 30 19.44 -3.79 -8.65
N ARG A 31 18.75 -3.16 -9.57
CA ARG A 31 18.55 -1.73 -9.55
C ARG A 31 17.85 -1.26 -8.29
N GLN A 32 16.83 -2.00 -7.85
CA GLN A 32 16.06 -1.55 -6.72
C GLN A 32 16.87 -1.61 -5.41
N ALA A 33 17.56 -2.73 -5.18
CA ALA A 33 18.41 -2.87 -4.01
C ALA A 33 19.53 -1.83 -3.99
N THR A 34 20.14 -1.61 -5.14
CA THR A 34 21.22 -0.61 -5.25
C THR A 34 20.67 0.76 -4.84
N SER A 35 19.48 1.08 -5.32
CA SER A 35 18.87 2.35 -4.96
C SER A 35 18.65 2.50 -3.46
N PHE A 36 18.16 1.43 -2.83
CA PHE A 36 17.94 1.50 -1.38
C PHE A 36 19.25 1.67 -0.62
N LEU A 37 20.32 1.08 -1.14
CA LEU A 37 21.64 1.10 -0.48
C LEU A 37 22.46 2.33 -0.74
N LYS A 38 22.01 3.24 -1.60
CA LYS A 38 22.74 4.49 -1.86
C LYS A 38 22.49 5.49 -0.75
N ASN A 39 23.55 6.07 -0.18
CA ASN A 39 23.37 7.12 0.82
C ASN A 39 22.75 8.40 0.23
N GLU A 40 23.15 8.75 -0.99
CA GLU A 40 22.68 9.98 -1.65
C GLU A 40 21.65 9.58 -2.69
N LYS A 41 20.36 9.55 -2.29
CA LYS A 41 19.32 9.06 -3.18
C LYS A 41 18.79 10.19 -4.06
N SER A 42 18.48 9.84 -5.28
CA SER A 42 17.83 10.74 -6.23
C SER A 42 16.34 10.39 -6.33
N PRO A 43 15.56 11.25 -7.00
CA PRO A 43 14.15 10.92 -7.21
C PRO A 43 13.99 9.57 -7.91
N ALA A 44 14.84 9.27 -8.89
CA ALA A 44 14.78 7.98 -9.58
C ALA A 44 14.99 6.81 -8.63
N ASP A 45 15.90 6.99 -7.65
CA ASP A 45 16.12 5.93 -6.67
C ASP A 45 14.84 5.67 -5.88
N ILE A 46 14.09 6.70 -5.53
CA ILE A 46 12.83 6.50 -4.83
C ILE A 46 11.85 5.67 -5.65
N MET A 47 11.76 5.96 -6.95
CA MET A 47 10.91 5.15 -7.82
C MET A 47 11.38 3.71 -7.84
N ASN A 48 12.68 3.50 -7.88
CA ASN A 48 13.22 2.15 -7.95
C ASN A 48 12.86 1.37 -6.69
N ILE A 49 12.89 2.03 -5.55
CA ILE A 49 12.53 1.41 -4.28
C ILE A 49 11.07 1.02 -4.25
N MET A 50 10.20 1.93 -4.63
CA MET A 50 8.79 1.59 -4.57
C MET A 50 8.37 0.50 -5.51
N ASP A 51 9.15 0.26 -6.54
CA ASP A 51 8.90 -0.80 -7.50
C ASP A 51 8.79 -2.14 -6.79
N VAL A 52 9.66 -2.36 -5.80
CA VAL A 52 9.65 -3.65 -5.07
C VAL A 52 8.29 -3.89 -4.41
N THR A 53 7.84 -2.90 -3.65
CA THR A 53 6.57 -2.97 -2.96
C THR A 53 5.41 -3.17 -3.93
N MET A 54 5.42 -2.41 -5.03
CA MET A 54 4.35 -2.51 -6.03
C MET A 54 4.25 -3.89 -6.63
N ARG A 55 5.39 -4.45 -7.01
CA ARG A 55 5.40 -5.79 -7.60
C ARG A 55 4.86 -6.81 -6.62
N ARG A 56 5.22 -6.67 -5.36
CA ARG A 56 4.78 -7.59 -4.35
C ARG A 56 3.30 -7.45 -4.05
N PHE A 57 2.75 -6.23 -4.14
CA PHE A 57 1.30 -6.12 -3.99
C PHE A 57 0.54 -6.89 -5.06
N VAL A 58 1.08 -6.88 -6.28
CA VAL A 58 0.43 -7.66 -7.37
C VAL A 58 0.38 -9.14 -6.99
N LYS A 59 1.48 -9.66 -6.50
CA LYS A 59 1.54 -11.04 -6.09
C LYS A 59 0.64 -11.36 -4.90
N MET A 60 0.61 -10.45 -3.93
CA MET A 60 -0.30 -10.61 -2.78
C MET A 60 -1.74 -10.77 -3.28
N ALA A 61 -2.17 -9.87 -4.15
CA ALA A 61 -3.55 -9.87 -4.57
C ALA A 61 -3.92 -11.19 -5.24
N LYS A 62 -2.99 -11.68 -6.07
CA LYS A 62 -3.20 -12.92 -6.83
C LYS A 62 -3.31 -14.17 -5.96
N ARG A 63 -2.91 -14.07 -4.69
CA ARG A 63 -3.13 -15.18 -3.74
C ARG A 63 -4.55 -15.16 -3.13
N LEU A 64 -5.25 -14.02 -3.12
CA LEU A 64 -6.52 -13.89 -2.39
C LEU A 64 -7.69 -14.50 -3.14
N PRO A 65 -8.41 -15.47 -2.52
CA PRO A 65 -9.58 -15.98 -3.22
C PRO A 65 -10.57 -14.88 -3.63
N ALA A 66 -10.73 -13.89 -2.74
CA ALA A 66 -11.63 -12.75 -2.95
C ALA A 66 -11.29 -11.99 -4.22
N PHE A 67 -9.99 -11.85 -4.50
CA PHE A 67 -9.51 -11.18 -5.71
C PHE A 67 -9.68 -12.08 -6.92
N ASN A 68 -9.45 -13.38 -6.71
CA ASN A 68 -9.57 -14.36 -7.78
C ASN A 68 -11.00 -14.70 -8.22
N ASP A 69 -11.98 -14.24 -7.45
CA ASP A 69 -13.36 -14.35 -7.90
C ASP A 69 -13.76 -13.26 -8.88
N LEU A 70 -12.91 -12.25 -9.08
CA LEU A 70 -13.18 -11.18 -10.06
C LEU A 70 -12.79 -11.57 -11.47
N SER A 71 -13.42 -10.93 -12.44
CA SER A 71 -12.96 -11.00 -13.81
C SER A 71 -11.54 -10.42 -13.93
N GLN A 72 -10.83 -10.77 -14.99
CA GLN A 72 -9.52 -10.24 -15.21
C GLN A 72 -9.54 -8.72 -15.30
N ASP A 73 -10.52 -8.16 -15.99
CA ASP A 73 -10.63 -6.72 -16.11
C ASP A 73 -10.91 -6.08 -14.75
N GLY A 74 -11.72 -6.73 -13.92
CA GLY A 74 -11.97 -6.24 -12.58
C GLY A 74 -10.72 -6.22 -11.70
N LYS A 75 -9.94 -7.30 -11.77
CA LYS A 75 -8.67 -7.39 -11.07
C LYS A 75 -7.74 -6.25 -11.46
N PHE A 76 -7.63 -6.02 -12.77
CA PHE A 76 -6.78 -4.98 -13.28
C PHE A 76 -7.23 -3.61 -12.78
N ALA A 77 -8.51 -3.31 -12.89
CA ALA A 77 -9.03 -2.03 -12.42
C ALA A 77 -8.77 -1.84 -10.93
N LEU A 78 -8.93 -2.88 -10.11
CA LEU A 78 -8.68 -2.72 -8.68
C LEU A 78 -7.24 -2.40 -8.39
N LEU A 79 -6.30 -3.10 -9.04
CA LEU A 79 -4.90 -2.81 -8.81
C LEU A 79 -4.53 -1.45 -9.30
N LYS A 80 -5.00 -1.06 -10.48
CA LYS A 80 -4.64 0.23 -10.98
C LYS A 80 -5.19 1.31 -10.04
N GLY A 81 -6.42 1.13 -9.59
CA GLY A 81 -7.09 2.13 -8.75
C GLY A 81 -6.56 2.20 -7.33
N GLY A 82 -6.03 1.10 -6.82
CA GLY A 82 -5.66 0.99 -5.43
C GLY A 82 -4.18 0.96 -5.13
N MET A 83 -3.31 0.87 -6.15
CA MET A 83 -1.89 0.66 -5.90
C MET A 83 -1.30 1.73 -4.99
N ILE A 84 -1.44 3.00 -5.34
CA ILE A 84 -0.81 4.06 -4.58
C ILE A 84 -1.40 4.17 -3.19
N GLU A 85 -2.69 3.92 -3.04
CA GLU A 85 -3.28 3.87 -1.69
C GLU A 85 -2.62 2.80 -0.84
N MET A 86 -2.47 1.59 -1.36
CA MET A 86 -1.80 0.52 -0.60
C MET A 86 -0.35 0.90 -0.30
N LEU A 87 0.34 1.51 -1.28
CA LEU A 87 1.70 1.91 -1.09
C LEU A 87 1.85 2.93 0.04
N THR A 88 0.93 3.87 0.13
CA THR A 88 0.92 4.88 1.18
C THR A 88 0.72 4.23 2.54
N VAL A 89 -0.10 3.20 2.63
CA VAL A 89 -0.28 2.49 3.89
C VAL A 89 1.00 1.73 4.25
N ARG A 90 1.68 1.11 3.29
CA ARG A 90 3.00 0.54 3.58
C ARG A 90 3.91 1.64 4.10
N GLY A 91 3.83 2.83 3.51
CA GLY A 91 4.60 3.96 3.97
C GLY A 91 4.35 4.29 5.43
N VAL A 92 3.12 4.23 5.90
CA VAL A 92 2.83 4.48 7.33
C VAL A 92 3.46 3.39 8.21
N ARG A 93 3.36 2.14 7.79
CA ARG A 93 3.96 1.03 8.53
C ARG A 93 5.46 1.18 8.62
N ARG A 94 6.10 1.70 7.58
CA ARG A 94 7.55 1.75 7.49
C ARG A 94 8.18 3.07 7.94
N PHE A 95 7.40 4.05 8.35
CA PHE A 95 7.94 5.35 8.70
C PHE A 95 8.28 5.42 10.19
N ASP A 96 9.45 5.95 10.47
CA ASP A 96 9.99 6.11 11.83
C ASP A 96 9.94 7.59 12.13
N SER A 97 9.10 7.96 13.08
CA SER A 97 8.94 9.34 13.51
C SER A 97 10.22 9.95 14.11
N SER A 98 10.97 9.14 14.84
CA SER A 98 12.20 9.59 15.50
C SER A 98 13.22 10.05 14.46
N SER A 99 13.44 9.19 13.46
CA SER A 99 14.46 9.46 12.45
C SER A 99 13.91 10.25 11.28
N GLY A 100 12.59 10.38 11.19
CA GLY A 100 11.96 11.03 10.03
C GLY A 100 12.28 10.35 8.72
N SER A 101 12.20 9.02 8.70
CA SER A 101 12.60 8.26 7.52
C SER A 101 11.86 6.95 7.46
N TRP A 102 11.75 6.42 6.25
CA TRP A 102 11.26 5.08 6.00
C TRP A 102 12.44 4.10 6.00
N THR A 103 12.21 2.93 6.56
CA THR A 103 13.15 1.81 6.55
C THR A 103 12.45 0.59 5.98
N THR A 104 13.20 -0.46 5.76
CA THR A 104 12.65 -1.70 5.28
C THR A 104 13.10 -2.86 6.20
N PRO A 105 12.25 -3.89 6.39
CA PRO A 105 12.54 -4.89 7.41
C PRO A 105 13.66 -5.90 7.12
N THR A 106 14.22 -5.86 5.94
CA THR A 106 15.38 -6.71 5.60
C THR A 106 16.72 -5.98 5.59
N LEU A 107 16.73 -4.68 5.91
CA LEU A 107 17.99 -3.92 6.00
C LEU A 107 18.05 -3.26 7.34
N GLY A 108 19.23 -2.93 7.83
CA GLY A 108 19.40 -2.24 9.11
C GLY A 108 19.01 -0.78 9.06
N GLU A 109 19.11 -0.13 10.20
CA GLU A 109 18.68 1.25 10.35
C GLU A 109 19.52 2.24 9.56
N SER A 110 20.72 1.85 9.12
CA SER A 110 21.54 2.77 8.34
C SER A 110 20.96 2.94 6.94
N SER A 111 20.04 2.05 6.53
CA SER A 111 19.41 2.13 5.23
C SER A 111 18.04 2.75 5.38
N GLU A 112 17.85 3.90 4.76
CA GLU A 112 16.59 4.64 4.94
C GLU A 112 16.33 5.59 3.78
N VAL A 113 15.08 6.01 3.69
CA VAL A 113 14.65 7.09 2.79
C VAL A 113 14.15 8.22 3.67
N SER A 114 14.82 9.37 3.66
CA SER A 114 14.41 10.49 4.47
C SER A 114 13.11 11.11 3.95
N ILE A 115 12.28 11.59 4.88
CA ILE A 115 11.12 12.43 4.54
C ILE A 115 11.53 13.65 3.72
N ASN A 116 12.74 14.13 3.94
CA ASN A 116 13.17 15.31 3.24
C ASN A 116 13.49 15.05 1.78
N MET A 117 13.41 13.81 1.32
CA MET A 117 13.45 13.53 -0.12
C MET A 117 12.34 14.28 -0.85
N PHE A 118 11.23 14.60 -0.19
CA PHE A 118 10.17 15.41 -0.82
C PHE A 118 10.72 16.74 -1.34
N ASP A 119 11.71 17.29 -0.68
CA ASP A 119 12.21 18.62 -0.98
C ASP A 119 12.86 18.63 -2.39
N GLN A 120 13.19 17.46 -2.95
CA GLN A 120 13.78 17.29 -4.29
C GLN A 120 12.78 17.06 -5.42
N LEU A 121 11.51 16.92 -5.06
CA LEU A 121 10.50 16.50 -6.03
C LEU A 121 9.87 17.73 -6.70
N ASN A 122 8.77 17.55 -7.38
CA ASN A 122 8.17 18.62 -8.20
C ASN A 122 7.59 19.67 -7.28
N ALA A 123 8.08 20.92 -7.36
CA ALA A 123 7.64 22.00 -6.49
C ALA A 123 6.17 22.38 -6.65
N ASP A 124 5.55 21.96 -7.75
CA ASP A 124 4.12 22.21 -7.90
C ASP A 124 3.29 21.51 -6.83
N VAL A 125 3.76 20.36 -6.34
CA VAL A 125 2.96 19.52 -5.46
C VAL A 125 3.71 18.95 -4.24
N ARG A 126 5.01 19.09 -4.15
CA ARG A 126 5.77 18.37 -3.14
C ARG A 126 5.43 18.78 -1.73
N SER A 127 5.21 20.07 -1.47
CA SER A 127 5.02 20.55 -0.13
C SER A 127 3.75 19.98 0.47
N GLU A 128 2.66 20.06 -0.24
CA GLU A 128 1.40 19.59 0.31
C GLU A 128 1.37 18.07 0.35
N GLN A 129 2.05 17.37 -0.54
CA GLN A 129 2.12 15.90 -0.41
C GLN A 129 2.92 15.52 0.83
N LYS A 130 4.01 16.19 1.12
CA LYS A 130 4.78 15.96 2.34
C LYS A 130 3.94 16.17 3.58
N MET A 131 3.23 17.30 3.61
CA MET A 131 2.38 17.58 4.76
C MET A 131 1.22 16.60 4.90
N ARG A 132 0.62 16.22 3.79
CA ARG A 132 -0.45 15.23 3.84
C ARG A 132 0.09 13.90 4.36
N PHE A 133 1.29 13.49 3.96
CA PHE A 133 1.77 12.20 4.42
C PHE A 133 1.99 12.28 5.94
N LEU A 134 2.61 13.33 6.43
CA LEU A 134 2.89 13.46 7.85
C LEU A 134 1.60 13.52 8.67
N GLN A 135 0.60 14.23 8.17
CA GLN A 135 -0.68 14.30 8.86
C GLN A 135 -1.38 12.96 8.88
N PHE A 136 -1.33 12.21 7.78
CA PHE A 136 -1.89 10.87 7.74
C PHE A 136 -1.18 9.95 8.72
N PHE A 137 0.13 9.97 8.74
CA PHE A 137 0.90 9.18 9.67
C PHE A 137 0.49 9.47 11.11
N LYS A 138 0.30 10.75 11.41
CA LYS A 138 -0.02 11.19 12.78
C LYS A 138 -1.38 10.74 13.28
N ILE A 139 -2.32 10.37 12.42
CA ILE A 139 -3.63 9.97 12.93
C ILE A 139 -3.59 8.55 13.50
N PHE A 140 -2.53 7.81 13.26
CA PHE A 140 -2.46 6.43 13.76
C PHE A 140 -1.80 6.34 15.13
N HIS A 141 -2.38 5.50 15.98
CA HIS A 141 -1.76 5.11 17.23
C HIS A 141 -0.55 4.27 16.90
N GLU A 142 0.56 4.45 17.60
CA GLU A 142 1.81 3.78 17.32
C GLU A 142 1.72 2.26 17.29
N ASP A 143 0.93 1.68 18.17
CA ASP A 143 0.79 0.22 18.23
C ASP A 143 -0.15 -0.36 17.21
N ILE A 144 -0.90 0.50 16.56
CA ILE A 144 -1.80 0.11 15.48
C ILE A 144 -1.11 0.24 14.13
N ARG A 145 -0.40 1.34 13.87
CA ARG A 145 0.34 1.47 12.60
C ARG A 145 1.52 0.49 12.54
N SER A 146 1.99 -0.06 13.67
CA SER A 146 3.05 -1.04 13.67
C SER A 146 2.55 -2.48 13.69
N ASN A 147 1.26 -2.69 13.61
CA ASN A 147 0.67 -3.99 13.61
C ASN A 147 0.49 -4.45 12.16
N ASP A 148 1.24 -5.44 11.74
CA ASP A 148 1.19 -5.86 10.34
C ASP A 148 -0.15 -6.37 9.89
N LEU A 149 -0.91 -7.00 10.74
CA LEU A 149 -2.24 -7.48 10.40
C LEU A 149 -3.20 -6.33 10.20
N VAL A 150 -3.16 -5.33 11.06
CA VAL A 150 -4.00 -4.15 10.87
C VAL A 150 -3.66 -3.48 9.53
N ILE A 151 -2.38 -3.26 9.29
CA ILE A 151 -1.92 -2.60 8.07
C ILE A 151 -2.37 -3.40 6.84
N SER A 152 -2.23 -4.71 6.87
CA SER A 152 -2.65 -5.56 5.77
C SER A 152 -4.15 -5.42 5.53
N MET A 153 -4.95 -5.41 6.58
CA MET A 153 -6.38 -5.23 6.43
C MET A 153 -6.79 -3.89 5.90
N ILE A 154 -6.12 -2.82 6.33
CA ILE A 154 -6.38 -1.51 5.74
C ILE A 154 -6.05 -1.53 4.25
N MET A 155 -4.93 -2.13 3.88
CA MET A 155 -4.60 -2.29 2.46
C MET A 155 -5.70 -2.99 1.69
N LEU A 156 -6.29 -4.03 2.26
CA LEU A 156 -7.37 -4.74 1.57
C LEU A 156 -8.66 -3.96 1.54
N ILE A 157 -8.97 -3.23 2.58
CA ILE A 157 -10.16 -2.38 2.60
C ILE A 157 -10.08 -1.38 1.47
N VAL A 158 -8.92 -0.77 1.27
CA VAL A 158 -8.80 0.21 0.19
C VAL A 158 -8.66 -0.46 -1.17
N LEU A 159 -8.01 -1.60 -1.28
CA LEU A 159 -7.97 -2.33 -2.54
C LEU A 159 -9.38 -2.67 -3.01
N PHE A 160 -10.20 -3.21 -2.11
CA PHE A 160 -11.58 -3.56 -2.43
C PHE A 160 -12.48 -2.37 -2.22
N SER A 161 -12.28 -1.37 -3.07
CA SER A 161 -13.08 -0.13 -3.08
C SER A 161 -13.88 -0.14 -4.36
N PRO A 162 -15.13 0.38 -4.32
CA PRO A 162 -15.86 0.52 -5.59
C PRO A 162 -15.16 1.48 -6.54
N ARG A 163 -15.02 1.01 -7.76
CA ARG A 163 -14.37 1.77 -8.82
C ARG A 163 -15.37 1.96 -9.95
N ASP A 164 -15.54 3.21 -10.42
CA ASP A 164 -16.56 3.53 -11.43
C ASP A 164 -16.33 2.79 -12.73
N SER A 165 -15.10 2.44 -13.07
CA SER A 165 -14.81 1.74 -14.36
C SER A 165 -15.16 0.26 -14.38
N ILE A 166 -15.42 -0.31 -13.21
CA ILE A 166 -15.78 -1.73 -13.07
C ILE A 166 -17.28 -1.88 -13.29
N THR A 167 -17.64 -2.47 -14.42
CA THR A 167 -19.05 -2.49 -14.80
C THR A 167 -19.71 -3.84 -14.68
N ASP A 168 -18.93 -4.91 -14.60
CA ASP A 168 -19.56 -6.23 -14.46
C ASP A 168 -20.29 -6.28 -13.11
N PRO A 169 -21.59 -6.56 -13.11
CA PRO A 169 -22.33 -6.54 -11.85
C PRO A 169 -21.83 -7.52 -10.80
N GLU A 170 -21.36 -8.68 -11.20
CA GLU A 170 -20.84 -9.64 -10.22
C GLU A 170 -19.51 -9.13 -9.63
N ASP A 171 -18.64 -8.52 -10.42
CA ASP A 171 -17.44 -7.90 -9.88
C ASP A 171 -17.84 -6.85 -8.86
N ARG A 172 -18.80 -5.99 -9.16
CA ARG A 172 -19.17 -4.93 -8.25
C ARG A 172 -19.69 -5.49 -6.94
N ARG A 173 -20.51 -6.53 -7.03
CA ARG A 173 -21.04 -7.22 -5.84
C ARG A 173 -19.90 -7.81 -4.98
N ILE A 174 -19.01 -8.52 -5.60
CA ILE A 174 -17.85 -9.11 -4.89
C ILE A 174 -17.06 -8.03 -4.18
N ILE A 175 -16.80 -6.92 -4.86
CA ILE A 175 -15.98 -5.86 -4.28
C ILE A 175 -16.67 -5.24 -3.11
N ALA A 176 -17.96 -4.93 -3.26
CA ALA A 176 -18.70 -4.33 -2.16
C ALA A 176 -18.74 -5.26 -0.95
N ARG A 177 -19.02 -6.53 -1.17
CA ARG A 177 -19.10 -7.50 -0.07
C ARG A 177 -17.75 -7.59 0.66
N HIS A 178 -16.66 -7.68 -0.07
CA HIS A 178 -15.36 -7.77 0.57
C HIS A 178 -14.94 -6.48 1.23
N HIS A 179 -15.31 -5.32 0.72
CA HIS A 179 -15.03 -4.08 1.41
C HIS A 179 -15.64 -4.15 2.81
N GLU A 180 -16.90 -4.54 2.87
CA GLU A 180 -17.65 -4.65 4.11
C GLU A 180 -17.03 -5.71 5.01
N GLN A 181 -16.70 -6.87 4.47
CA GLN A 181 -16.16 -7.94 5.25
C GLN A 181 -14.81 -7.61 5.84
N PHE A 182 -13.92 -7.02 5.07
CA PHE A 182 -12.62 -6.67 5.57
C PHE A 182 -12.72 -5.59 6.65
N SER A 183 -13.59 -4.62 6.48
CA SER A 183 -13.80 -3.60 7.49
C SER A 183 -14.31 -4.22 8.78
N ALA A 184 -15.28 -5.12 8.67
CA ALA A 184 -15.83 -5.79 9.85
C ALA A 184 -14.78 -6.67 10.50
N LEU A 185 -13.96 -7.38 9.73
CA LEU A 185 -12.94 -8.25 10.25
C LEU A 185 -11.89 -7.43 11.01
N LEU A 186 -11.50 -6.29 10.47
CA LEU A 186 -10.56 -5.41 11.14
C LEU A 186 -11.09 -5.00 12.51
N ASN A 187 -12.35 -4.61 12.56
CA ASN A 187 -12.93 -4.22 13.84
C ASN A 187 -12.97 -5.41 14.80
N ARG A 188 -13.33 -6.61 14.32
CA ARG A 188 -13.37 -7.77 15.20
C ARG A 188 -12.00 -8.11 15.73
N TYR A 189 -10.99 -8.05 14.90
CA TYR A 189 -9.63 -8.27 15.33
C TYR A 189 -9.24 -7.29 16.44
N LEU A 190 -9.51 -6.03 16.22
CA LEU A 190 -9.16 -5.02 17.24
C LEU A 190 -9.97 -5.21 18.52
N GLU A 191 -11.24 -5.59 18.40
CA GLU A 191 -12.03 -5.93 19.59
C GLU A 191 -11.43 -7.09 20.33
N SER A 192 -10.92 -8.10 19.63
CA SER A 192 -10.34 -9.28 20.29
C SER A 192 -9.09 -8.93 21.09
N LEU A 193 -8.39 -7.85 20.71
CA LEU A 193 -7.19 -7.39 21.42
C LEU A 193 -7.52 -6.38 22.49
N TYR A 194 -8.46 -5.48 22.23
CA TYR A 194 -8.62 -4.26 23.03
C TYR A 194 -10.00 -4.08 23.65
N GLY A 195 -10.95 -4.94 23.32
CA GLY A 195 -12.32 -4.79 23.80
C GLY A 195 -12.96 -3.54 23.27
N ASP A 196 -13.75 -2.91 24.12
CA ASP A 196 -14.55 -1.74 23.72
C ASP A 196 -13.71 -0.60 23.18
N ASP A 197 -12.49 -0.48 23.67
CA ASP A 197 -11.57 0.58 23.20
C ASP A 197 -11.32 0.50 21.68
N ALA A 198 -11.55 -0.67 21.09
CA ALA A 198 -11.43 -0.82 19.62
C ALA A 198 -12.39 0.07 18.87
N HIS A 199 -13.53 0.38 19.47
CA HIS A 199 -14.57 1.07 18.73
C HIS A 199 -14.18 2.48 18.31
N GLN A 200 -13.39 3.18 19.09
CA GLN A 200 -12.87 4.48 18.66
C GLN A 200 -12.02 4.37 17.38
N LEU A 201 -11.24 3.29 17.25
CA LEU A 201 -10.45 3.08 16.04
C LEU A 201 -11.34 2.87 14.84
N ASN A 202 -12.43 2.10 15.01
CA ASN A 202 -13.34 1.87 13.92
C ASN A 202 -14.02 3.17 13.51
N GLU A 203 -14.33 4.01 14.48
CA GLU A 203 -14.99 5.27 14.19
C GLU A 203 -14.08 6.21 13.41
N GLN A 204 -12.78 6.08 13.59
CA GLN A 204 -11.79 6.90 12.87
C GLN A 204 -11.46 6.39 11.48
N LEU A 205 -11.80 5.15 11.17
CA LEU A 205 -11.41 4.55 9.89
C LEU A 205 -11.87 5.38 8.68
N PRO A 206 -13.13 5.85 8.63
CA PRO A 206 -13.51 6.66 7.45
C PRO A 206 -12.67 7.95 7.29
N THR A 207 -12.28 8.59 8.38
CA THR A 207 -11.40 9.75 8.33
C THR A 207 -10.04 9.38 7.75
N ALA A 208 -9.49 8.29 8.24
CA ALA A 208 -8.24 7.76 7.68
C ALA A 208 -8.35 7.48 6.20
N LEU A 209 -9.41 6.83 5.76
CA LEU A 209 -9.58 6.48 4.38
C LEU A 209 -9.71 7.73 3.51
N ARG A 210 -10.42 8.76 3.98
CA ARG A 210 -10.51 10.00 3.21
C ARG A 210 -9.13 10.61 3.01
N MET A 211 -8.35 10.65 4.06
CA MET A 211 -6.99 11.20 3.97
C MET A 211 -6.13 10.37 3.00
N LEU A 212 -6.28 9.06 3.04
CA LEU A 212 -5.54 8.14 2.20
C LEU A 212 -5.90 8.31 0.75
N ARG A 213 -7.19 8.37 0.43
CA ARG A 213 -7.62 8.54 -0.94
C ARG A 213 -7.16 9.89 -1.50
N GLU A 214 -7.22 10.93 -0.69
CA GLU A 214 -6.81 12.25 -1.14
C GLU A 214 -5.31 12.27 -1.46
N ILE A 215 -4.48 11.79 -0.54
CA ILE A 215 -3.03 11.86 -0.76
C ILE A 215 -2.65 11.03 -1.97
N SER A 216 -3.25 9.88 -2.15
CA SER A 216 -2.89 9.01 -3.24
C SER A 216 -3.33 9.60 -4.58
N ALA A 217 -4.52 10.21 -4.61
CA ALA A 217 -5.08 10.76 -5.84
C ALA A 217 -4.32 12.00 -6.34
N SER A 218 -3.62 12.66 -5.44
CA SER A 218 -2.86 13.88 -5.72
C SER A 218 -1.36 13.63 -5.90
N SER A 219 -0.95 12.37 -6.02
CA SER A 219 0.46 11.98 -6.05
C SER A 219 1.08 11.94 -7.46
N GLY A 220 0.26 11.90 -8.48
CA GLY A 220 0.72 11.48 -9.83
C GLY A 220 1.78 12.33 -10.48
N MET A 221 1.87 13.60 -10.14
CA MET A 221 2.84 14.49 -10.76
C MET A 221 4.07 14.75 -9.88
N LEU A 222 4.19 14.04 -8.77
CA LEU A 222 5.24 14.34 -7.79
C LEU A 222 6.67 14.25 -8.37
N PHE A 223 6.89 13.35 -9.32
CA PHE A 223 8.21 13.13 -9.91
C PHE A 223 8.42 13.87 -11.22
N LEU A 224 7.40 14.57 -11.70
CA LEU A 224 7.50 15.20 -13.02
C LEU A 224 8.66 16.17 -13.08
N GLY A 225 9.53 15.99 -14.07
CA GLY A 225 10.70 16.86 -14.23
C GLY A 225 11.93 16.50 -13.41
N THR A 226 11.86 15.43 -12.61
CA THR A 226 12.94 15.11 -11.67
C THR A 226 13.63 13.78 -11.94
N VAL A 227 13.18 13.06 -12.95
CA VAL A 227 13.61 11.70 -13.22
C VAL A 227 13.86 11.50 -14.70
N ASN A 228 14.98 10.86 -15.02
CA ASN A 228 15.30 10.40 -16.35
C ASN A 228 14.80 8.96 -16.46
N THR A 229 14.02 8.66 -17.50
CA THR A 229 13.38 7.34 -17.61
C THR A 229 14.37 6.20 -17.71
N SER A 230 15.59 6.47 -18.18
CA SER A 230 16.60 5.43 -18.28
C SER A 230 17.13 4.97 -16.93
N GLU A 231 16.81 5.72 -15.87
CA GLU A 231 17.32 5.44 -14.53
C GLU A 231 16.24 4.93 -13.57
N ALA A 232 15.00 4.83 -14.04
CA ALA A 232 13.86 4.52 -13.13
C ALA A 232 13.09 3.33 -13.66
N GLU A 233 12.71 2.44 -12.75
CA GLU A 233 11.91 1.28 -13.08
C GLU A 233 10.63 1.66 -13.80
N PRO A 234 10.18 0.83 -14.75
CA PRO A 234 9.00 1.19 -15.49
C PRO A 234 7.67 1.10 -14.72
N LEU A 235 7.51 0.13 -13.81
CA LEU A 235 6.22 -0.02 -13.16
C LEU A 235 5.77 1.25 -12.42
N PRO A 236 6.66 1.86 -11.60
CA PRO A 236 6.22 3.09 -10.95
C PRO A 236 5.92 4.21 -11.92
N ARG A 237 6.60 4.23 -13.06
CA ARG A 237 6.37 5.23 -14.11
C ARG A 237 5.01 5.08 -14.77
N GLU A 238 4.30 3.96 -14.56
CA GLU A 238 2.91 3.81 -15.01
C GLU A 238 1.95 4.54 -14.07
N PHE A 239 2.40 4.88 -12.86
CA PHE A 239 1.56 5.56 -11.85
C PHE A 239 1.96 7.03 -11.64
N PHE A 240 3.22 7.35 -11.87
CA PHE A 240 3.78 8.67 -11.69
C PHE A 240 4.34 9.15 -13.01
N LYS A 241 3.80 10.23 -13.53
CA LYS A 241 4.23 10.79 -14.80
C LYS A 241 5.58 11.47 -14.65
N VAL A 242 6.56 11.04 -15.45
CA VAL A 242 7.88 11.68 -15.31
C VAL A 242 8.22 12.66 -16.42
N GLU A 243 7.61 12.47 -17.58
CA GLU A 243 7.78 13.36 -18.73
C GLU A 243 6.45 13.62 -19.43
N ASN B 2 -0.68 1.05 -19.27
CA ASN B 2 -0.41 0.19 -18.08
C ASN B 2 -0.01 -1.23 -18.50
N ALA B 3 0.81 -1.34 -19.54
CA ALA B 3 1.18 -2.64 -20.09
C ALA B 3 1.90 -3.54 -19.09
N LEU B 4 2.84 -2.97 -18.34
CA LEU B 4 3.59 -3.77 -17.41
C LEU B 4 2.73 -4.23 -16.21
N LEU B 5 1.86 -3.36 -15.69
CA LEU B 5 0.97 -3.78 -14.63
C LEU B 5 0.14 -4.97 -15.13
N ARG B 6 -0.40 -4.85 -16.34
CA ARG B 6 -1.22 -5.94 -16.88
C ARG B 6 -0.43 -7.24 -17.05
N TYR B 7 0.81 -7.13 -17.53
CA TYR B 7 1.67 -8.26 -17.68
C TYR B 7 1.91 -8.97 -16.35
N LEU B 8 2.23 -8.17 -15.31
CA LEU B 8 2.51 -8.74 -13.99
C LEU B 8 1.26 -9.37 -13.38
N LEU B 9 0.10 -8.76 -13.58
CA LEU B 9 -1.14 -9.35 -13.12
C LEU B 9 -1.40 -10.71 -13.77
N ASP B 10 -1.13 -10.76 -15.07
CA ASP B 10 -1.54 -11.91 -15.89
C ASP B 10 -0.47 -13.00 -15.93
N LYS B 11 0.70 -12.77 -15.36
CA LYS B 11 1.75 -13.79 -15.46
C LYS B 11 1.59 -14.91 -14.47
N ASP B 12 2.13 -16.07 -14.85
CA ASP B 12 2.24 -17.21 -13.96
C ASP B 12 3.48 -17.01 -13.10
N ASP B 13 3.29 -16.69 -11.82
CA ASP B 13 4.41 -16.44 -10.91
C ASP B 13 5.06 -17.76 -10.45
N THR B 14 4.47 -18.90 -10.82
CA THR B 14 5.03 -20.22 -10.49
C THR B 14 5.99 -20.66 -11.58
O3 XCA C . 9.74 -2.75 2.61
C27 XCA C . 9.42 -2.19 1.51
O2 XCA C . 8.23 -2.25 1.09
C25 XCA C . 10.48 -1.47 0.73
C26 XCA C . 10.71 -2.07 -0.68
C24 XCA C . 10.13 0.01 0.63
C23 XCA C . 10.01 0.70 1.99
C22 XCA C . 9.76 2.22 1.92
C20 XCA C . 8.54 2.63 1.08
C21 XCA C . 7.29 2.04 1.75
C17 XCA C . 8.43 4.14 0.96
C16 XCA C . 9.66 4.75 0.28
C15 XCA C . 9.20 5.99 -0.49
C14 XCA C . 7.75 6.17 -0.05
C8 XCA C . 6.80 7.01 -0.93
C7 XCA C . 7.38 8.41 -1.16
C6 XCA C . 6.36 9.42 -1.65
C13 XCA C . 7.25 4.76 0.20
C18 XCA C . 7.03 4.01 -1.12
C12 XCA C . 5.96 4.92 0.98
C11 XCA C . 4.93 5.78 0.23
C9 XCA C . 5.44 7.16 -0.25
C10 XCA C . 4.40 7.93 -1.10
C1 XCA C . 3.21 8.36 -0.22
C19 XCA C . 3.86 7.07 -2.23
C5 XCA C . 5.05 9.19 -1.64
C4 XCA C . 4.19 10.32 -2.17
C3 XCA C . 2.84 10.48 -1.56
O1 XCA C . 2.11 11.54 -2.00
C2 XCA C . 2.32 9.48 -0.79
C1 EDO D . 19.07 -7.71 0.85
O1 EDO D . 18.81 -9.05 0.41
C2 EDO D . 17.98 -7.33 1.83
O2 EDO D . 16.75 -7.06 1.14
C1 EDO E . 3.30 -10.89 -1.48
O1 EDO E . 3.17 -11.44 -0.15
C2 EDO E . 4.64 -11.18 -2.11
O2 EDO E . 4.80 -12.59 -2.28
C1 EDO F . 17.46 11.43 -11.01
O1 EDO F . 16.12 11.34 -10.51
C2 EDO F . 17.47 11.45 -12.54
O2 EDO F . 17.01 10.22 -13.09
C1 EDO G . -15.58 10.27 -12.85
O1 EDO G . -14.32 10.25 -13.53
C2 EDO G . -15.40 10.05 -11.36
O2 EDO G . -15.04 8.68 -11.06
C1 EDO H . -15.05 -5.47 -15.43
O1 EDO H . -16.01 -5.39 -14.37
C2 EDO H . -15.57 -4.72 -16.65
O2 EDO H . -15.66 -3.32 -16.34
C1 EDO I . 22.45 2.92 3.21
O1 EDO I . 22.33 1.60 2.70
C2 EDO I . 21.57 3.91 2.42
O2 EDO I . 20.18 3.53 2.54
#